data_1G80
#
_entry.id   1G80
#
_cell.length_a   1.000
_cell.length_b   1.000
_cell.length_c   1.000
_cell.angle_alpha   90.00
_cell.angle_beta   90.00
_cell.angle_gamma   90.00
#
_symmetry.space_group_name_H-M   'P 1'
#
_entity_poly.entity_id   1
_entity_poly.type   'polydeoxyribonucleotide'
_entity_poly.pdbx_seq_one_letter_code
;(DG)(DC)(DG)(DT)(DA)(DC)(DG)(DC)
;
_entity_poly.pdbx_strand_id   A,B
#